data_2B7U
#
_entry.id   2B7U
#
_cell.length_a   99.240
_cell.length_b   57.240
_cell.length_c   51.088
_cell.angle_alpha   90.00
_cell.angle_beta   104.08
_cell.angle_gamma   90.00
#
_symmetry.space_group_name_H-M   'C 1 2 1'
#
loop_
_entity.id
_entity.type
_entity.pdbx_description
1 polymer CHARYBDIN
2 non-polymer '2-(N-MORPHOLINO)-ETHANESULFONIC ACID'
3 water water
#
_entity_poly.entity_id   1
_entity_poly.type   'polypeptide(L)'
_entity_poly.pdbx_seq_one_letter_code
;SQCKAMTVKFTVELDIERLTGQTYTDFIKNLRRSLATWYLHGVPVLPLYNQEADPRGFDLKLTFRGQVTTVRIHRDDLVL
RGYQMQGAGKWLELERPSTQTGHLIEGSELLEFGPSYEELAAAAQQDILDISYNKNALQDAVSKLAVSTNTRDRARSLIV
VSQMFCEATRFVDIANHFAFNLESSEPVKLPQWMQNDLEKNWVRFSFMILKSNADPCYKFEPQTIYGKIIKTADELLNFL
GIVEQHPDTRSPPCAAG
;
_entity_poly.pdbx_strand_id   A
#
# COMPACT_ATOMS: atom_id res chain seq x y z
N LYS A 4 12.43 17.00 8.49
CA LYS A 4 12.78 15.69 9.13
C LYS A 4 12.55 14.52 8.15
N ALA A 5 13.63 13.94 7.64
CA ALA A 5 13.56 12.86 6.64
C ALA A 5 12.99 11.57 7.23
N MET A 6 12.22 10.85 6.43
CA MET A 6 11.67 9.58 6.86
C MET A 6 12.82 8.60 7.06
N THR A 7 12.77 7.85 8.15
CA THR A 7 13.84 6.88 8.40
C THR A 7 13.49 5.62 7.62
N VAL A 8 14.44 4.69 7.49
CA VAL A 8 14.15 3.40 6.90
C VAL A 8 14.31 2.32 7.96
N LYS A 9 13.18 1.86 8.50
CA LYS A 9 13.17 0.84 9.55
C LYS A 9 13.71 -0.52 9.09
N PHE A 10 13.42 -0.89 7.85
CA PHE A 10 13.88 -2.18 7.31
C PHE A 10 13.76 -2.15 5.79
N THR A 11 14.38 -3.14 5.17
CA THR A 11 14.33 -3.34 3.73
C THR A 11 13.89 -4.78 3.44
N VAL A 12 12.97 -4.93 2.51
CA VAL A 12 12.57 -6.26 1.99
C VAL A 12 12.88 -6.28 0.49
N GLU A 13 13.24 -7.44 -0.03
CA GLU A 13 13.67 -7.55 -1.41
C GLU A 13 12.99 -8.74 -2.08
N LEU A 14 12.49 -8.54 -3.28
CA LEU A 14 11.86 -9.60 -4.05
C LEU A 14 12.39 -9.63 -5.48
N ASP A 15 12.80 -10.81 -5.95
CA ASP A 15 13.11 -10.96 -7.37
C ASP A 15 11.86 -11.45 -8.12
N ILE A 16 11.55 -10.77 -9.22
CA ILE A 16 10.32 -10.99 -9.96
C ILE A 16 10.42 -12.15 -10.95
N GLU A 17 11.62 -12.54 -11.37
CA GLU A 17 11.75 -13.51 -12.47
C GLU A 17 11.13 -14.89 -12.20
N ARG A 18 11.39 -15.46 -11.03
CA ARG A 18 10.88 -16.79 -10.65
C ARG A 18 9.59 -16.71 -9.81
N LEU A 19 8.99 -15.52 -9.77
CA LEU A 19 7.86 -15.25 -8.88
C LEU A 19 6.67 -16.17 -9.22
N THR A 20 6.09 -16.79 -8.19
CA THR A 20 4.87 -17.58 -8.37
C THR A 20 3.80 -17.04 -7.43
N GLY A 21 2.57 -17.51 -7.62
CA GLY A 21 1.45 -17.17 -6.72
C GLY A 21 1.81 -17.42 -5.28
N GLN A 22 2.42 -18.58 -5.03
CA GLN A 22 2.79 -18.98 -3.68
C GLN A 22 3.89 -18.11 -3.09
N THR A 23 4.94 -17.83 -3.87
CA THR A 23 6.04 -17.03 -3.30
C THR A 23 5.69 -15.54 -3.15
N TYR A 24 4.81 -15.04 -4.01
CA TYR A 24 4.25 -13.69 -3.85
C TYR A 24 3.42 -13.66 -2.56
N THR A 25 2.54 -14.64 -2.35
CA THR A 25 1.74 -14.67 -1.14
C THR A 25 2.62 -14.71 0.11
N ASP A 26 3.66 -15.55 0.08
CA ASP A 26 4.62 -15.64 1.18
C ASP A 26 5.24 -14.27 1.46
N PHE A 27 5.62 -13.57 0.40
CA PHE A 27 6.25 -12.27 0.56
C PHE A 27 5.33 -11.26 1.24
N ILE A 28 4.08 -11.23 0.79
CA ILE A 28 3.12 -10.29 1.35
C ILE A 28 2.86 -10.61 2.84
N LYS A 29 2.71 -11.89 3.14
CA LYS A 29 2.47 -12.32 4.53
C LYS A 29 3.65 -11.92 5.40
N ASN A 30 4.86 -12.12 4.91
CA ASN A 30 6.04 -11.72 5.67
C ASN A 30 6.13 -10.21 5.84
N LEU A 31 5.73 -9.46 4.82
CA LEU A 31 5.77 -8.02 4.89
C LEU A 31 4.79 -7.51 5.95
N ARG A 32 3.61 -8.09 6.02
CA ARG A 32 2.65 -7.74 7.07
C ARG A 32 3.21 -7.94 8.49
N ARG A 33 3.89 -9.06 8.68
CA ARG A 33 4.52 -9.33 9.95
C ARG A 33 5.62 -8.30 10.26
N SER A 34 6.40 -7.92 9.24
CA SER A 34 7.50 -6.96 9.40
C SER A 34 6.97 -5.59 9.77
N LEU A 35 5.79 -5.27 9.27
CA LEU A 35 5.19 -3.96 9.50
C LEU A 35 4.50 -3.82 10.85
N ALA A 36 4.11 -4.95 11.42
CA ALA A 36 3.29 -4.95 12.62
C ALA A 36 3.94 -4.29 13.82
N THR A 37 3.13 -3.59 14.61
CA THR A 37 3.55 -3.21 15.97
C THR A 37 2.88 -4.05 17.02
N TRP A 38 1.59 -4.32 16.83
CA TRP A 38 0.80 -5.16 17.72
C TRP A 38 -0.27 -5.79 16.88
N TYR A 39 -1.11 -6.62 17.52
CA TYR A 39 -2.05 -7.46 16.80
C TYR A 39 -3.44 -7.39 17.41
N LEU A 40 -4.44 -7.41 16.54
CA LEU A 40 -5.81 -7.46 16.92
C LEU A 40 -6.46 -8.70 16.28
N HIS A 41 -6.82 -9.70 17.07
CA HIS A 41 -7.42 -10.94 16.55
C HIS A 41 -6.61 -11.53 15.42
N GLY A 42 -5.30 -11.51 15.61
CA GLY A 42 -4.33 -12.09 14.68
C GLY A 42 -3.93 -11.22 13.52
N VAL A 43 -4.53 -10.04 13.40
CA VAL A 43 -4.22 -9.14 12.30
C VAL A 43 -3.30 -8.00 12.78
N PRO A 44 -2.22 -7.78 12.05
CA PRO A 44 -1.27 -6.78 12.49
C PRO A 44 -1.85 -5.36 12.41
N VAL A 45 -1.42 -4.53 13.35
CA VAL A 45 -1.75 -3.11 13.45
C VAL A 45 -0.46 -2.29 13.25
N LEU A 46 -0.54 -1.29 12.39
CA LEU A 46 0.61 -0.43 12.06
C LEU A 46 0.90 0.52 13.21
N PRO A 47 2.15 1.03 13.23
CA PRO A 47 2.46 2.03 14.23
C PRO A 47 1.62 3.28 14.11
N LEU A 48 1.39 3.93 15.25
CA LEU A 48 0.93 5.33 15.37
C LEU A 48 0.62 5.75 16.82
N TYR A 49 1.71 5.61 17.59
CA TYR A 49 1.95 6.30 18.85
C TYR A 49 2.90 7.47 18.51
N ASN A 50 3.94 7.15 17.74
CA ASN A 50 4.74 8.14 16.99
C ASN A 50 3.87 9.04 16.10
N GLN A 51 4.23 10.31 16.00
CA GLN A 51 3.40 11.30 15.32
C GLN A 51 4.27 12.50 14.92
N GLU A 52 3.62 13.62 14.58
CA GLU A 52 4.27 14.94 14.41
C GLU A 52 5.52 14.90 13.50
N ALA A 53 6.68 14.64 14.09
CA ALA A 53 7.96 14.72 13.38
C ALA A 53 8.74 13.42 13.55
N ASP A 54 8.09 12.30 13.23
CA ASP A 54 8.77 11.02 13.18
C ASP A 54 8.19 10.17 12.07
N PRO A 55 8.37 10.63 10.81
CA PRO A 55 7.96 9.78 9.70
C PRO A 55 8.84 8.54 9.62
N ARG A 56 8.21 7.38 9.71
CA ARG A 56 8.87 6.08 9.69
C ARG A 56 8.57 5.50 8.33
N GLY A 57 9.59 4.89 7.70
CA GLY A 57 9.39 4.23 6.41
C GLY A 57 10.06 2.88 6.34
N PHE A 58 9.92 2.22 5.20
CA PHE A 58 10.67 1.02 4.89
C PHE A 58 10.97 1.03 3.39
N ASP A 59 11.94 0.24 2.99
CA ASP A 59 12.29 0.14 1.57
C ASP A 59 11.92 -1.22 0.98
N LEU A 60 11.41 -1.18 -0.25
CA LEU A 60 11.01 -2.36 -0.99
C LEU A 60 11.89 -2.42 -2.24
N LYS A 61 12.79 -3.39 -2.28
CA LYS A 61 13.72 -3.52 -3.40
C LYS A 61 13.19 -4.61 -4.33
N LEU A 62 13.01 -4.25 -5.61
CA LEU A 62 12.46 -5.16 -6.60
C LEU A 62 13.47 -5.33 -7.70
N THR A 63 13.74 -6.59 -8.06
CA THR A 63 14.77 -6.88 -9.04
C THR A 63 14.21 -7.79 -10.11
N PHE A 64 14.63 -7.56 -11.36
CA PHE A 64 14.27 -8.43 -12.45
C PHE A 64 15.40 -8.46 -13.48
N ARG A 65 16.04 -9.61 -13.62
CA ARG A 65 17.09 -9.82 -14.64
C ARG A 65 18.12 -8.69 -14.64
N GLY A 66 18.62 -8.34 -13.46
CA GLY A 66 19.69 -7.33 -13.32
C GLY A 66 19.23 -5.88 -13.23
N GLN A 67 17.93 -5.65 -13.40
CA GLN A 67 17.30 -4.36 -13.33
C GLN A 67 16.72 -4.22 -11.94
N VAL A 68 16.86 -3.04 -11.35
CA VAL A 68 16.47 -2.89 -9.94
C VAL A 68 15.89 -1.51 -9.69
N THR A 69 14.91 -1.49 -8.82
CA THR A 69 14.46 -0.25 -8.25
C THR A 69 14.19 -0.49 -6.77
N THR A 70 14.30 0.57 -6.00
CA THR A 70 13.95 0.56 -4.60
C THR A 70 12.88 1.60 -4.38
N VAL A 71 11.79 1.20 -3.73
CA VAL A 71 10.69 2.12 -3.43
C VAL A 71 10.66 2.36 -1.93
N ARG A 72 10.49 3.62 -1.54
CA ARG A 72 10.44 3.98 -0.11
C ARG A 72 8.98 4.28 0.23
N ILE A 73 8.49 3.61 1.26
CA ILE A 73 7.07 3.63 1.62
C ILE A 73 6.90 4.00 3.09
N HIS A 74 5.87 4.78 3.41
CA HIS A 74 5.54 5.09 4.80
C HIS A 74 5.07 3.85 5.58
N ARG A 75 5.64 3.66 6.77
CA ARG A 75 5.36 2.46 7.55
C ARG A 75 4.04 2.57 8.29
N ASP A 76 3.56 3.79 8.49
CA ASP A 76 2.32 3.98 9.24
C ASP A 76 1.07 3.97 8.37
N ASP A 77 1.15 4.41 7.12
CA ASP A 77 -0.02 4.40 6.26
C ASP A 77 0.16 3.66 4.93
N LEU A 78 1.32 3.06 4.71
CA LEU A 78 1.64 2.30 3.51
C LEU A 78 1.55 3.10 2.20
N VAL A 79 1.74 4.41 2.31
CA VAL A 79 1.72 5.28 1.16
C VAL A 79 3.13 5.33 0.53
N LEU A 80 3.19 5.17 -0.77
CA LEU A 80 4.45 5.24 -1.50
C LEU A 80 4.97 6.69 -1.46
N ARG A 81 6.25 6.88 -1.12
CA ARG A 81 6.81 8.23 -1.06
C ARG A 81 7.86 8.54 -2.11
N GLY A 82 8.58 7.53 -2.59
CA GLY A 82 9.62 7.77 -3.58
C GLY A 82 10.25 6.51 -4.08
N TYR A 83 11.13 6.64 -5.05
CA TYR A 83 11.84 5.49 -5.59
C TYR A 83 13.20 5.92 -6.13
N GLN A 84 14.07 4.93 -6.26
CA GLN A 84 15.44 5.18 -6.71
C GLN A 84 15.69 4.61 -8.11
N MET A 85 16.28 5.44 -8.97
CA MET A 85 16.74 4.99 -10.29
C MET A 85 18.07 4.24 -10.15
N GLN A 86 18.34 3.34 -11.11
CA GLN A 86 19.47 2.41 -11.01
C GLN A 86 20.82 3.02 -11.39
N GLY A 87 20.84 3.86 -12.41
CA GLY A 87 22.09 4.35 -13.00
C GLY A 87 22.94 5.12 -12.00
N ALA A 88 22.41 6.25 -11.57
CA ALA A 88 23.14 7.13 -10.65
C ALA A 88 22.66 6.98 -9.20
N GLY A 89 21.54 6.29 -8.97
CA GLY A 89 20.97 6.18 -7.63
C GLY A 89 20.15 7.40 -7.24
N LYS A 90 19.65 8.12 -8.24
CA LYS A 90 18.87 9.34 -8.04
C LYS A 90 17.53 8.96 -7.44
N TRP A 91 17.14 9.67 -6.37
CA TRP A 91 15.84 9.52 -5.72
C TRP A 91 14.82 10.49 -6.28
N LEU A 92 13.65 9.96 -6.60
CA LEU A 92 12.48 10.74 -7.00
C LEU A 92 11.48 10.63 -5.88
N GLU A 93 10.81 11.73 -5.56
CA GLU A 93 9.88 11.78 -4.46
C GLU A 93 8.52 12.32 -4.88
N LEU A 94 7.45 11.67 -4.44
CA LEU A 94 6.09 12.06 -4.75
C LEU A 94 5.69 13.23 -3.87
N GLU A 95 4.91 14.14 -4.44
CA GLU A 95 4.39 15.29 -3.71
C GLU A 95 3.51 14.88 -2.53
N ARG A 96 3.31 15.83 -1.62
CA ARG A 96 2.49 15.75 -0.37
C ARG A 96 3.44 15.90 0.81
N PRO A 97 3.79 14.83 1.51
CA PRO A 97 4.64 14.71 2.71
C PRO A 97 5.78 15.73 2.87
N SER A 98 6.03 16.12 4.11
CA SER A 98 7.05 17.11 4.43
C SER A 98 8.24 16.51 5.18
N GLY A 102 9.08 20.22 3.23
CA GLY A 102 10.40 19.89 2.70
C GLY A 102 10.49 18.44 2.30
N HIS A 103 11.66 18.01 1.81
CA HIS A 103 11.83 16.66 1.26
C HIS A 103 11.89 15.58 2.35
N LEU A 104 11.05 14.56 2.22
CA LEU A 104 11.11 13.40 3.12
C LEU A 104 12.28 12.48 2.78
N ILE A 105 12.80 12.59 1.55
CA ILE A 105 13.97 11.87 1.11
C ILE A 105 15.08 12.86 0.74
N GLU A 106 16.16 12.88 1.51
CA GLU A 106 17.19 13.89 1.30
C GLU A 106 17.78 13.76 -0.08
N GLY A 107 17.87 14.88 -0.79
CA GLY A 107 18.53 14.92 -2.08
C GLY A 107 17.65 14.52 -3.26
N SER A 108 16.38 14.24 -2.97
CA SER A 108 15.44 13.82 -4.01
C SER A 108 15.00 14.95 -4.94
N GLU A 109 14.54 14.56 -6.11
CA GLU A 109 13.88 15.44 -7.07
C GLU A 109 12.39 15.17 -6.96
N LEU A 110 11.57 16.20 -6.79
CA LEU A 110 10.14 16.01 -6.66
C LEU A 110 9.52 15.74 -8.00
N LEU A 111 8.66 14.73 -8.03
CA LEU A 111 7.82 14.38 -9.17
C LEU A 111 6.65 15.36 -9.25
N GLU A 112 5.99 15.37 -10.40
CA GLU A 112 4.88 16.29 -10.64
C GLU A 112 3.55 15.71 -10.18
N PHE A 113 3.59 14.75 -9.26
CA PHE A 113 2.39 14.13 -8.76
C PHE A 113 2.59 13.57 -7.37
N GLY A 114 1.48 13.43 -6.67
CA GLY A 114 1.42 12.78 -5.37
C GLY A 114 1.02 11.33 -5.52
N PRO A 115 0.94 10.59 -4.39
CA PRO A 115 0.63 9.18 -4.34
C PRO A 115 -0.85 8.81 -4.49
N SER A 116 -1.75 9.79 -4.53
CA SER A 116 -3.16 9.42 -4.65
C SER A 116 -3.38 8.86 -6.04
N TYR A 117 -4.33 7.93 -6.17
CA TYR A 117 -4.61 7.34 -7.49
C TYR A 117 -5.22 8.34 -8.48
N GLU A 118 -5.93 9.35 -8.00
CA GLU A 118 -6.41 10.42 -8.87
C GLU A 118 -5.22 11.10 -9.56
N GLU A 119 -4.20 11.43 -8.77
CA GLU A 119 -3.02 12.11 -9.30
C GLU A 119 -2.15 11.19 -10.12
N LEU A 120 -1.99 9.95 -9.67
CA LEU A 120 -1.18 8.99 -10.44
C LEU A 120 -1.84 8.64 -11.76
N ALA A 121 -3.15 8.43 -11.74
CA ALA A 121 -3.87 8.12 -12.98
C ALA A 121 -3.79 9.27 -13.99
N ALA A 122 -3.89 10.51 -13.52
CA ALA A 122 -3.75 11.67 -14.40
C ALA A 122 -2.35 11.75 -15.00
N ALA A 123 -1.33 11.53 -14.17
CA ALA A 123 0.05 11.53 -14.65
C ALA A 123 0.30 10.36 -15.60
N ALA A 124 -0.28 9.21 -15.28
CA ALA A 124 -0.18 8.03 -16.14
C ALA A 124 -1.02 8.16 -17.41
N GLN A 125 -1.94 9.11 -17.42
CA GLN A 125 -2.94 9.28 -18.46
C GLN A 125 -3.64 7.95 -18.75
N GLN A 126 -3.94 7.23 -17.67
CA GLN A 126 -4.51 5.89 -17.74
C GLN A 126 -5.19 5.56 -16.42
N ASP A 127 -6.36 4.92 -16.51
CA ASP A 127 -7.17 4.59 -15.33
C ASP A 127 -6.61 3.39 -14.56
N ILE A 128 -6.73 3.41 -13.23
CA ILE A 128 -6.25 2.30 -12.39
C ILE A 128 -6.86 0.97 -12.84
N LEU A 129 -8.13 1.00 -13.22
CA LEU A 129 -8.84 -0.21 -13.63
C LEU A 129 -8.47 -0.70 -15.03
N ASP A 130 -7.69 0.08 -15.79
CA ASP A 130 -7.34 -0.27 -17.16
C ASP A 130 -5.88 -0.71 -17.26
N ILE A 131 -5.23 -0.84 -16.11
CA ILE A 131 -3.84 -1.24 -16.02
C ILE A 131 -3.77 -2.71 -15.63
N SER A 132 -2.77 -3.43 -16.16
CA SER A 132 -2.63 -4.85 -15.86
C SER A 132 -1.72 -5.06 -14.69
N TYR A 133 -2.07 -6.05 -13.85
CA TYR A 133 -1.34 -6.30 -12.60
C TYR A 133 -0.89 -7.75 -12.47
N ASN A 134 -0.30 -8.28 -13.54
CA ASN A 134 0.24 -9.63 -13.48
C ASN A 134 1.77 -9.58 -13.37
N LYS A 135 2.42 -10.73 -13.44
CA LYS A 135 3.86 -10.82 -13.31
C LYS A 135 4.56 -10.04 -14.43
N ASN A 136 4.06 -10.18 -15.65
CA ASN A 136 4.62 -9.44 -16.78
C ASN A 136 4.54 -7.93 -16.54
N ALA A 137 3.45 -7.45 -15.96
CA ALA A 137 3.30 -6.00 -15.68
C ALA A 137 4.27 -5.55 -14.59
N LEU A 138 4.49 -6.39 -13.60
CA LEU A 138 5.45 -6.07 -12.55
C LEU A 138 6.87 -6.05 -13.10
N GLN A 139 7.20 -6.96 -14.00
CA GLN A 139 8.48 -6.96 -14.63
C GLN A 139 8.71 -5.66 -15.40
N ASP A 140 7.70 -5.26 -16.15
CA ASP A 140 7.78 -4.01 -16.91
C ASP A 140 7.91 -2.79 -15.99
N ALA A 141 7.20 -2.82 -14.88
CA ALA A 141 7.29 -1.72 -13.92
C ALA A 141 8.67 -1.56 -13.36
N VAL A 142 9.34 -2.64 -12.97
CA VAL A 142 10.70 -2.43 -12.46
C VAL A 142 11.66 -1.97 -13.57
N SER A 143 11.49 -2.48 -14.78
CA SER A 143 12.32 -2.02 -15.90
C SER A 143 12.19 -0.52 -16.14
N LYS A 144 10.95 -0.02 -16.12
CA LYS A 144 10.72 1.39 -16.35
C LYS A 144 11.24 2.24 -15.20
N LEU A 145 10.97 1.82 -13.96
CA LEU A 145 11.41 2.62 -12.82
C LEU A 145 12.92 2.70 -12.74
N ALA A 146 13.59 1.63 -13.14
CA ALA A 146 15.06 1.60 -13.14
C ALA A 146 15.66 2.74 -13.99
N VAL A 147 15.03 3.08 -15.11
CA VAL A 147 15.66 4.00 -16.10
C VAL A 147 14.82 5.10 -16.70
N SER A 148 13.50 5.00 -16.66
CA SER A 148 12.69 5.93 -17.46
C SER A 148 12.68 7.34 -16.87
N THR A 149 12.74 8.36 -17.72
CA THR A 149 12.52 9.75 -17.26
C THR A 149 11.17 10.29 -17.73
N ASN A 150 10.32 9.40 -18.23
CA ASN A 150 9.04 9.76 -18.79
C ASN A 150 7.98 9.71 -17.70
N THR A 151 7.25 10.80 -17.54
CA THR A 151 6.24 10.89 -16.49
C THR A 151 5.20 9.80 -16.56
N ARG A 152 4.63 9.55 -17.73
CA ARG A 152 3.62 8.48 -17.89
C ARG A 152 4.13 7.11 -17.44
N ASP A 153 5.33 6.73 -17.93
CA ASP A 153 5.93 5.44 -17.61
C ASP A 153 6.15 5.33 -16.10
N ARG A 154 6.63 6.42 -15.49
CA ARG A 154 6.90 6.40 -14.05
C ARG A 154 5.62 6.23 -13.26
N ALA A 155 4.62 7.04 -13.59
CA ALA A 155 3.36 7.01 -12.86
C ALA A 155 2.65 5.65 -13.04
N ARG A 156 2.64 5.12 -14.25
CA ARG A 156 1.99 3.84 -14.48
C ARG A 156 2.65 2.75 -13.66
N SER A 157 3.97 2.77 -13.67
CA SER A 157 4.73 1.78 -12.97
C SER A 157 4.53 1.87 -11.46
N LEU A 158 4.46 3.10 -10.93
CA LEU A 158 4.16 3.29 -9.51
C LEU A 158 2.76 2.81 -9.12
N ILE A 159 1.79 2.93 -10.04
CA ILE A 159 0.48 2.37 -9.80
C ILE A 159 0.58 0.84 -9.64
N VAL A 160 1.32 0.19 -10.54
CA VAL A 160 1.45 -1.25 -10.45
C VAL A 160 2.11 -1.66 -9.12
N VAL A 161 3.19 -0.99 -8.73
CA VAL A 161 3.83 -1.31 -7.47
C VAL A 161 2.90 -1.03 -6.27
N SER A 162 2.24 0.11 -6.27
CA SER A 162 1.31 0.44 -5.19
C SER A 162 0.20 -0.61 -5.07
N GLN A 163 -0.39 -1.02 -6.19
CA GLN A 163 -1.47 -1.99 -6.16
C GLN A 163 -0.97 -3.34 -5.69
N MET A 164 0.11 -3.81 -6.29
CA MET A 164 0.55 -5.17 -6.00
C MET A 164 1.28 -5.37 -4.70
N PHE A 165 1.76 -4.29 -4.09
CA PHE A 165 2.40 -4.41 -2.77
C PHE A 165 1.62 -3.69 -1.70
N CYS A 166 1.27 -2.44 -1.90
CA CYS A 166 0.56 -1.71 -0.82
C CYS A 166 -0.91 -2.17 -0.66
N GLU A 167 -1.67 -2.18 -1.74
CA GLU A 167 -3.06 -2.58 -1.60
C GLU A 167 -3.18 -4.07 -1.25
N ALA A 168 -2.34 -4.91 -1.87
CA ALA A 168 -2.31 -6.34 -1.52
C ALA A 168 -1.98 -6.57 -0.04
N THR A 169 -1.06 -5.77 0.50
CA THR A 169 -0.70 -5.86 1.92
C THR A 169 -1.90 -5.48 2.79
N ARG A 170 -2.61 -4.45 2.37
CA ARG A 170 -3.79 -3.97 3.13
C ARG A 170 -4.97 -4.94 3.13
N PHE A 171 -5.21 -5.65 2.03
CA PHE A 171 -6.45 -6.44 1.87
C PHE A 171 -6.22 -7.87 1.44
N VAL A 172 -6.76 -8.80 2.20
CA VAL A 172 -6.69 -10.22 1.91
C VAL A 172 -7.15 -10.56 0.50
N ASP A 173 -8.29 -10.02 0.10
CA ASP A 173 -8.92 -10.42 -1.18
C ASP A 173 -8.12 -9.90 -2.37
N ILE A 174 -7.44 -8.77 -2.17
CA ILE A 174 -6.60 -8.16 -3.21
C ILE A 174 -5.32 -8.99 -3.38
N ALA A 175 -4.65 -9.34 -2.27
CA ALA A 175 -3.50 -10.23 -2.32
C ALA A 175 -3.85 -11.55 -3.02
N ASN A 176 -4.99 -12.11 -2.65
CA ASN A 176 -5.44 -13.38 -3.28
C ASN A 176 -5.64 -13.21 -4.77
N HIS A 177 -6.28 -12.11 -5.16
CA HIS A 177 -6.60 -11.90 -6.55
C HIS A 177 -5.35 -11.82 -7.38
N PHE A 178 -4.35 -11.11 -6.88
CA PHE A 178 -3.12 -10.94 -7.64
C PHE A 178 -2.30 -12.23 -7.65
N ALA A 179 -2.39 -13.02 -6.59
CA ALA A 179 -1.65 -14.28 -6.48
C ALA A 179 -2.19 -15.30 -7.47
N PHE A 180 -3.51 -15.36 -7.56
CA PHE A 180 -4.19 -16.43 -8.31
C PHE A 180 -4.01 -16.20 -9.81
N ASN A 181 -3.76 -14.96 -10.21
CA ASN A 181 -3.73 -14.53 -11.61
C ASN A 181 -2.31 -14.15 -12.08
N LEU A 182 -1.34 -14.35 -11.20
CA LEU A 182 0.00 -13.78 -11.36
C LEU A 182 0.74 -14.26 -12.61
N GLU A 183 0.71 -15.56 -12.84
CA GLU A 183 1.48 -16.15 -13.95
C GLU A 183 0.71 -16.19 -15.26
N SER A 184 -0.46 -15.57 -15.28
CA SER A 184 -1.28 -15.50 -16.49
C SER A 184 -0.59 -14.71 -17.59
N SER A 185 -0.75 -15.18 -18.83
CA SER A 185 -0.20 -14.51 -20.01
C SER A 185 -1.10 -13.36 -20.48
N GLU A 186 -2.37 -13.37 -20.06
CA GLU A 186 -3.30 -12.31 -20.41
C GLU A 186 -3.37 -11.31 -19.26
N PRO A 187 -3.84 -10.09 -19.53
CA PRO A 187 -3.99 -9.07 -18.50
C PRO A 187 -4.82 -9.50 -17.29
N VAL A 188 -4.39 -9.05 -16.11
CA VAL A 188 -5.11 -9.26 -14.87
C VAL A 188 -5.59 -7.90 -14.45
N LYS A 189 -6.91 -7.70 -14.46
CA LYS A 189 -7.49 -6.44 -14.01
C LYS A 189 -7.89 -6.52 -12.55
N LEU A 190 -7.98 -5.36 -11.90
CA LEU A 190 -8.50 -5.27 -10.55
C LEU A 190 -10.01 -5.14 -10.62
N PRO A 191 -10.78 -6.03 -9.97
CA PRO A 191 -12.23 -5.88 -9.93
C PRO A 191 -12.63 -4.54 -9.32
N GLN A 192 -13.66 -3.91 -9.87
CA GLN A 192 -14.08 -2.58 -9.41
C GLN A 192 -14.45 -2.59 -7.93
N TRP A 193 -15.03 -3.67 -7.43
CA TRP A 193 -15.43 -3.70 -6.02
C TRP A 193 -14.20 -3.61 -5.09
N MET A 194 -13.09 -4.19 -5.53
CA MET A 194 -11.84 -4.11 -4.77
C MET A 194 -11.29 -2.68 -4.78
N GLN A 195 -11.42 -1.97 -5.89
CA GLN A 195 -11.08 -0.54 -5.88
C GLN A 195 -12.00 0.29 -4.97
N ASN A 196 -13.30 0.16 -5.18
CA ASN A 196 -14.24 1.10 -4.60
C ASN A 196 -14.73 0.73 -3.20
N ASP A 197 -14.90 -0.55 -2.96
CA ASP A 197 -15.39 -1.00 -1.66
C ASP A 197 -14.24 -1.18 -0.69
N LEU A 198 -13.09 -1.68 -1.18
CA LEU A 198 -11.95 -1.93 -0.30
C LEU A 198 -10.95 -0.78 -0.28
N GLU A 199 -10.25 -0.56 -1.38
CA GLU A 199 -9.11 0.37 -1.38
C GLU A 199 -9.48 1.74 -0.89
N LYS A 200 -10.61 2.27 -1.34
CA LYS A 200 -11.00 3.62 -0.96
C LYS A 200 -11.41 3.74 0.50
N ASN A 201 -11.64 2.61 1.15
CA ASN A 201 -12.21 2.59 2.52
C ASN A 201 -11.22 2.07 3.58
N TRP A 202 -9.99 1.78 3.19
CA TRP A 202 -9.02 1.22 4.17
C TRP A 202 -8.88 2.08 5.42
N VAL A 203 -8.78 3.38 5.22
CA VAL A 203 -8.56 4.30 6.34
C VAL A 203 -9.81 4.28 7.22
N ARG A 204 -10.98 4.40 6.61
CA ARG A 204 -12.26 4.40 7.36
C ARG A 204 -12.51 3.05 8.06
N PHE A 205 -12.30 1.94 7.35
CA PHE A 205 -12.48 0.61 7.96
C PHE A 205 -11.51 0.39 9.11
N SER A 206 -10.25 0.80 8.95
CA SER A 206 -9.28 0.64 10.04
C SER A 206 -9.76 1.37 11.27
N PHE A 207 -10.24 2.59 11.09
CA PHE A 207 -10.74 3.38 12.19
C PHE A 207 -11.93 2.71 12.86
N MET A 208 -12.91 2.28 12.05
CA MET A 208 -14.08 1.61 12.63
C MET A 208 -13.70 0.41 13.50
N ILE A 209 -12.76 -0.38 13.01
CA ILE A 209 -12.30 -1.61 13.70
C ILE A 209 -11.59 -1.27 15.01
N LEU A 210 -10.63 -0.34 14.98
CA LEU A 210 -9.91 -0.01 16.21
C LEU A 210 -10.79 0.77 17.18
N LYS A 211 -11.66 1.64 16.67
CA LYS A 211 -12.54 2.38 17.58
C LYS A 211 -13.53 1.41 18.22
N SER A 212 -14.02 0.41 17.48
CA SER A 212 -14.90 -0.62 18.04
C SER A 212 -14.19 -1.38 19.17
N ASN A 213 -12.92 -1.71 18.99
CA ASN A 213 -12.17 -2.46 20.00
C ASN A 213 -11.90 -1.63 21.25
N ALA A 214 -11.76 -0.33 21.06
CA ALA A 214 -11.32 0.58 22.15
C ALA A 214 -12.44 1.19 22.93
N ASP A 215 -13.53 1.52 22.24
CA ASP A 215 -14.52 2.49 22.76
C ASP A 215 -15.89 1.85 22.84
N PRO A 216 -16.34 1.50 24.08
CA PRO A 216 -17.62 0.84 24.24
C PRO A 216 -18.83 1.65 23.75
N CYS A 217 -18.67 2.97 23.65
CA CYS A 217 -19.71 3.86 23.19
C CYS A 217 -19.75 4.05 21.68
N TYR A 218 -18.78 3.52 20.96
CA TYR A 218 -18.74 3.65 19.51
C TYR A 218 -19.78 2.71 18.91
N LYS A 219 -20.55 3.20 17.96
CA LYS A 219 -21.55 2.37 17.30
C LYS A 219 -21.10 1.97 15.89
N PHE A 220 -20.86 0.67 15.73
CA PHE A 220 -20.46 0.13 14.42
C PHE A 220 -21.67 0.12 13.52
N GLU A 221 -21.50 0.71 12.35
CA GLU A 221 -22.55 0.75 11.34
C GLU A 221 -22.25 -0.32 10.30
N PRO A 222 -23.22 -1.18 10.01
CA PRO A 222 -22.98 -2.17 8.97
C PRO A 222 -22.57 -1.57 7.62
N GLN A 223 -21.64 -2.26 6.94
CA GLN A 223 -21.07 -1.81 5.68
C GLN A 223 -21.45 -2.81 4.60
N THR A 224 -21.53 -2.36 3.37
CA THR A 224 -21.77 -3.27 2.25
C THR A 224 -20.49 -3.38 1.45
N ILE A 225 -20.05 -4.63 1.21
CA ILE A 225 -18.84 -4.94 0.43
C ILE A 225 -19.18 -6.07 -0.54
N TYR A 226 -18.84 -5.90 -1.81
CA TYR A 226 -19.13 -6.89 -2.85
C TYR A 226 -20.60 -7.33 -2.78
N GLY A 227 -21.50 -6.38 -2.54
CA GLY A 227 -22.92 -6.65 -2.51
C GLY A 227 -23.44 -7.40 -1.29
N LYS A 228 -22.60 -7.58 -0.28
CA LYS A 228 -22.95 -8.31 0.94
C LYS A 228 -22.89 -7.37 2.13
N ILE A 229 -23.80 -7.55 3.08
CA ILE A 229 -23.82 -6.71 4.27
C ILE A 229 -22.87 -7.29 5.33
N ILE A 230 -21.99 -6.43 5.84
CA ILE A 230 -20.99 -6.78 6.85
C ILE A 230 -21.44 -6.10 8.15
N LYS A 231 -21.93 -6.92 9.07
CA LYS A 231 -22.72 -6.43 10.18
C LYS A 231 -21.94 -6.07 11.43
N THR A 232 -20.73 -6.61 11.56
CA THR A 232 -19.90 -6.37 12.74
C THR A 232 -18.45 -6.04 12.39
N ALA A 233 -17.75 -5.42 13.36
CA ALA A 233 -16.33 -5.10 13.22
C ALA A 233 -15.48 -6.35 13.08
N ASP A 234 -15.86 -7.45 13.74
CA ASP A 234 -15.16 -8.71 13.55
C ASP A 234 -15.20 -9.19 12.11
N GLU A 235 -16.38 -9.08 11.49
CA GLU A 235 -16.53 -9.52 10.11
C GLU A 235 -15.78 -8.60 9.18
N LEU A 236 -15.76 -7.32 9.49
CA LEU A 236 -15.02 -6.37 8.65
C LEU A 236 -13.51 -6.63 8.71
N LEU A 237 -13.02 -6.94 9.91
CA LEU A 237 -11.60 -7.18 10.12
C LEU A 237 -11.06 -8.33 9.26
N ASN A 238 -11.92 -9.31 8.96
CA ASN A 238 -11.57 -10.46 8.13
C ASN A 238 -11.11 -10.05 6.74
N PHE A 239 -11.56 -8.88 6.26
CA PHE A 239 -11.11 -8.36 4.96
C PHE A 239 -9.69 -7.77 4.99
N LEU A 240 -9.24 -7.32 6.15
CA LEU A 240 -7.98 -6.57 6.21
C LEU A 240 -6.79 -7.46 6.50
N GLY A 241 -5.73 -7.24 5.77
CA GLY A 241 -4.45 -7.85 6.04
C GLY A 241 -3.62 -7.17 7.10
N ILE A 242 -3.84 -5.86 7.23
CA ILE A 242 -3.14 -5.03 8.20
C ILE A 242 -4.02 -3.78 8.42
N VAL A 243 -3.96 -3.23 9.61
CA VAL A 243 -4.86 -2.16 10.07
C VAL A 243 -4.12 -0.85 10.33
N GLU A 244 -4.60 0.27 9.78
CA GLU A 244 -4.03 1.57 10.08
C GLU A 244 -4.38 1.99 11.50
N GLN A 245 -3.53 2.77 12.17
CA GLN A 245 -3.79 3.19 13.57
C GLN A 245 -3.78 4.70 13.69
N HIS A 246 -4.94 5.33 13.49
CA HIS A 246 -5.09 6.76 13.66
C HIS A 246 -5.08 7.14 15.15
N PRO A 247 -4.38 8.23 15.53
CA PRO A 247 -4.36 8.68 16.93
C PRO A 247 -5.70 8.84 17.63
N ASP A 248 -6.73 9.23 16.89
CA ASP A 248 -8.09 9.32 17.46
C ASP A 248 -8.57 8.00 18.08
N THR A 249 -8.02 6.87 17.64
CA THR A 249 -8.43 5.58 18.20
C THR A 249 -7.95 5.38 19.64
N ARG A 250 -7.01 6.23 20.08
CA ARG A 250 -6.43 6.17 21.42
C ARG A 250 -6.98 7.30 22.31
N SER A 251 -7.87 8.13 21.76
CA SER A 251 -8.53 9.17 22.57
C SER A 251 -9.33 8.46 23.68
N PRO A 252 -9.51 9.12 24.82
CA PRO A 252 -10.33 8.47 25.82
C PRO A 252 -11.71 8.09 25.28
N PRO A 253 -12.17 6.88 25.56
CA PRO A 253 -13.49 6.42 25.12
C PRO A 253 -14.66 7.13 25.76
N CYS A 254 -15.83 6.93 25.16
CA CYS A 254 -17.11 7.45 25.67
C CYS A 254 -17.03 8.94 25.93
N ALA A 255 -16.48 9.65 24.96
CA ALA A 255 -16.40 11.09 25.03
C ALA A 255 -17.81 11.61 24.79
N ALA A 256 -18.08 12.81 25.28
CA ALA A 256 -19.37 13.47 25.07
C ALA A 256 -19.74 13.54 23.59
N GLY A 257 -21.02 13.23 23.30
CA GLY A 257 -21.55 13.29 21.93
CA GLY A 257 -21.57 13.26 21.93
C GLY A 257 -21.89 11.93 21.32
C GLY A 257 -23.09 13.21 21.89
#